data_3FS2
#
_entry.id   3FS2
#
_cell.length_a   121.530
_cell.length_b   75.640
_cell.length_c   74.650
_cell.angle_alpha   90.00
_cell.angle_beta   126.00
_cell.angle_gamma   90.00
#
_symmetry.space_group_name_H-M   'C 1 2 1'
#
loop_
_entity.id
_entity.type
_entity.pdbx_description
1 polymer '2-dehydro-3-deoxyphosphooctonate aldolase'
2 non-polymer 'PHOSPHATE ION'
3 non-polymer 'TETRAETHYLENE GLYCOL'
4 water water
#
_entity_poly.entity_id   1
_entity_poly.type   'polypeptide(L)'
_entity_poly.pdbx_seq_one_letter_code
;MAHHHHHHMGTLEAQTQGPGSMVTANSTVKVGNVTFSNSAPLALIAGPCQMETRDHAFEMAGRLKEMTDKLGIGLVYKSS
FDKANRTSLKAARGIGLEKALEVFSDLKKEYGFPVLTDIHTEEQCAAVAPVVDVLQIPAFLCRQTDLLIAAARTGRVVNV
KKGQFLAPWDMKNVLAKITESGNPNVLATERGVSFGYNTLVSDMRALPIMAGLGAPVIFDATHSVQQPGGQGGSTGGQRE
FVETLARAAVAVGVAGFFIETHEDPDNAPSDGPNMVPIDKMPALLEKLMAFDRIAKAL
;
_entity_poly.pdbx_strand_id   A,B
#
# COMPACT_ATOMS: atom_id res chain seq x y z
N THR A 24 -15.95 18.13 6.12
CA THR A 24 -16.34 18.88 7.37
C THR A 24 -15.33 18.61 8.49
N ALA A 25 -14.10 19.01 8.19
CA ALA A 25 -12.99 18.85 9.09
C ALA A 25 -12.92 20.11 9.93
N ASN A 26 -12.37 20.01 11.13
CA ASN A 26 -11.95 21.17 11.90
C ASN A 26 -10.74 21.84 11.22
N SER A 27 -10.84 23.15 10.94
CA SER A 27 -9.73 23.90 10.33
C SER A 27 -8.64 24.20 11.37
N THR A 28 -8.98 24.18 12.65
CA THR A 28 -8.02 24.16 13.72
C THR A 28 -8.18 22.84 14.47
N VAL A 29 -7.09 22.12 14.56
CA VAL A 29 -7.08 20.85 15.31
C VAL A 29 -6.14 21.02 16.50
N LYS A 30 -6.71 20.95 17.70
CA LYS A 30 -5.97 21.12 18.95
C LYS A 30 -5.71 19.75 19.55
N VAL A 31 -4.46 19.40 19.78
CA VAL A 31 -4.11 18.13 20.44
C VAL A 31 -3.16 18.41 21.55
N GLY A 32 -3.69 18.28 22.79
CA GLY A 32 -2.92 18.60 23.99
C GLY A 32 -2.45 20.03 23.85
N ASN A 33 -1.16 20.28 24.10
CA ASN A 33 -0.64 21.65 24.02
C ASN A 33 -0.35 22.16 22.57
N VAL A 34 -0.73 21.39 21.54
CA VAL A 34 -0.36 21.70 20.15
C VAL A 34 -1.58 22.09 19.33
N THR A 35 -1.41 23.16 18.56
CA THR A 35 -2.44 23.61 17.63
C THR A 35 -1.96 23.40 16.21
N PHE A 36 -2.76 22.71 15.41
CA PHE A 36 -2.57 22.62 13.97
C PHE A 36 -3.61 23.44 13.22
N SER A 37 -3.16 24.39 12.41
CA SER A 37 -4.03 25.13 11.46
C SER A 37 -3.20 25.72 10.33
N ASN A 38 -3.74 25.71 9.11
CA ASN A 38 -3.07 26.37 7.96
C ASN A 38 -2.81 27.88 8.23
N SER A 39 -3.50 28.44 9.23
CA SER A 39 -3.31 29.85 9.65
C SER A 39 -2.37 30.10 10.81
N ALA A 40 -2.01 29.04 11.52
CA ALA A 40 -1.30 29.16 12.77
C ALA A 40 0.20 28.97 12.51
N PRO A 41 1.06 29.36 13.45
CA PRO A 41 2.47 29.06 13.29
C PRO A 41 2.62 27.54 13.12
N LEU A 42 3.55 27.15 12.24
CA LEU A 42 3.97 25.74 12.07
C LEU A 42 4.09 24.97 13.40
N ALA A 43 3.61 23.71 13.38
CA ALA A 43 3.82 22.74 14.41
C ALA A 43 4.67 21.59 13.83
N LEU A 44 5.33 20.82 14.69
CA LEU A 44 6.22 19.76 14.26
C LEU A 44 5.79 18.39 14.79
N ILE A 45 5.60 17.43 13.87
CA ILE A 45 5.58 16.02 14.20
C ILE A 45 6.98 15.49 13.88
N ALA A 46 7.66 14.97 14.89
CA ALA A 46 9.02 14.51 14.72
C ALA A 46 9.35 13.40 15.64
N GLY A 47 10.29 12.59 15.20
CA GLY A 47 10.78 11.49 15.93
C GLY A 47 11.51 10.50 15.03
N PRO A 48 12.09 9.46 15.62
CA PRO A 48 12.70 8.42 14.80
C PRO A 48 11.60 7.63 14.13
N CYS A 49 11.95 6.91 13.09
CA CYS A 49 10.97 6.10 12.41
C CYS A 49 10.44 5.04 13.36
N GLN A 50 11.36 4.24 13.89
CA GLN A 50 11.02 3.14 14.78
C GLN A 50 11.41 3.43 16.19
N MET A 51 10.53 3.10 17.12
CA MET A 51 10.86 3.14 18.53
C MET A 51 11.92 2.08 18.76
N GLU A 52 12.95 2.47 19.49
CA GLU A 52 14.06 1.58 19.86
C GLU A 52 14.00 1.34 21.36
N THR A 53 15.13 1.44 22.06
CA THR A 53 15.12 1.33 23.49
C THR A 53 14.42 2.50 24.14
N ARG A 54 13.99 2.29 25.37
CA ARG A 54 13.46 3.36 26.18
C ARG A 54 14.47 4.52 26.33
N ASP A 55 15.73 4.16 26.52
CA ASP A 55 16.85 5.15 26.56
C ASP A 55 16.82 6.05 25.32
N HIS A 56 16.74 5.40 24.17
CA HIS A 56 16.83 6.11 22.92
C HIS A 56 15.61 7.03 22.73
N ALA A 57 14.44 6.50 23.09
CA ALA A 57 13.18 7.26 23.00
C ALA A 57 13.29 8.55 23.84
N PHE A 58 13.73 8.41 25.10
CA PHE A 58 13.82 9.56 25.98
C PHE A 58 14.86 10.53 25.50
N GLU A 59 15.98 10.05 24.97
CA GLU A 59 17.00 10.98 24.40
C GLU A 59 16.45 11.77 23.19
N MET A 60 15.86 11.06 22.22
CA MET A 60 15.29 11.73 21.04
C MET A 60 14.19 12.75 21.43
N ALA A 61 13.26 12.33 22.29
CA ALA A 61 12.14 13.17 22.68
C ALA A 61 12.64 14.37 23.47
N GLY A 62 13.59 14.16 24.37
CA GLY A 62 14.19 15.27 25.13
C GLY A 62 14.82 16.32 24.25
N ARG A 63 15.60 15.88 23.27
CA ARG A 63 16.27 16.79 22.36
C ARG A 63 15.26 17.52 21.49
N LEU A 64 14.27 16.79 21.00
CA LEU A 64 13.22 17.46 20.20
C LEU A 64 12.42 18.46 21.04
N LYS A 65 12.11 18.11 22.29
CA LYS A 65 11.34 19.04 23.15
C LYS A 65 12.18 20.29 23.41
N GLU A 66 13.44 20.10 23.74
CA GLU A 66 14.29 21.29 24.01
C GLU A 66 14.33 22.27 22.81
N MET A 67 14.56 21.76 21.61
CA MET A 67 14.78 22.61 20.44
C MET A 67 13.48 23.28 20.01
N THR A 68 12.36 22.58 20.18
CA THR A 68 11.06 23.18 19.86
C THR A 68 10.59 24.14 20.94
N ASP A 69 10.82 23.80 22.20
CA ASP A 69 10.56 24.75 23.33
C ASP A 69 11.21 26.10 23.06
N LYS A 70 12.48 26.08 22.67
CA LYS A 70 13.27 27.32 22.45
C LYS A 70 12.71 28.18 21.29
N LEU A 71 12.11 27.52 20.32
CA LEU A 71 11.64 28.17 19.12
C LEU A 71 10.19 28.56 19.21
N GLY A 72 9.47 28.03 20.18
CA GLY A 72 8.02 28.27 20.30
C GLY A 72 7.15 27.43 19.39
N ILE A 73 7.66 26.26 19.00
CA ILE A 73 7.04 25.33 18.06
C ILE A 73 6.33 24.23 18.88
N GLY A 74 5.08 23.92 18.59
CA GLY A 74 4.41 22.79 19.26
C GLY A 74 5.05 21.49 18.69
N LEU A 75 5.21 20.50 19.57
CA LEU A 75 5.75 19.19 19.19
C LEU A 75 4.78 18.04 19.47
N VAL A 76 4.63 17.18 18.47
CA VAL A 76 4.04 15.85 18.60
C VAL A 76 5.16 14.85 18.34
N TYR A 77 5.43 13.99 19.31
CA TYR A 77 6.52 13.03 19.20
C TYR A 77 5.99 11.77 18.57
N LYS A 78 6.74 11.23 17.61
CA LYS A 78 6.28 10.11 16.82
C LYS A 78 7.26 8.98 16.94
N SER A 79 6.73 7.78 16.83
CA SER A 79 7.52 6.58 16.60
C SER A 79 6.58 5.47 16.22
N SER A 80 7.04 4.58 15.36
CA SER A 80 6.33 3.36 15.01
C SER A 80 6.84 2.20 15.90
N PHE A 81 5.97 1.22 16.12
CA PHE A 81 6.24 0.04 16.99
C PHE A 81 6.07 -1.22 16.13
N ASP A 82 5.32 -1.10 15.04
CA ASP A 82 5.20 -2.17 14.04
C ASP A 82 6.12 -1.86 12.85
N LYS A 83 6.79 -2.91 12.40
CA LYS A 83 8.12 -2.77 11.88
C LYS A 83 8.33 -2.19 10.46
N ALA A 84 7.51 -2.43 9.43
CA ALA A 84 6.39 -3.39 9.33
C ALA A 84 6.47 -4.03 7.92
N ASN A 85 6.80 -3.19 6.93
CA ASN A 85 7.55 -3.60 5.76
C ASN A 85 8.98 -3.98 6.18
N ILE A 95 9.38 -2.84 18.39
CA ILE A 95 9.41 -2.99 19.86
C ILE A 95 8.18 -3.77 20.33
N GLY A 96 7.10 -3.68 19.54
CA GLY A 96 5.83 -4.29 19.91
C GLY A 96 4.92 -3.28 20.60
N LEU A 97 3.62 -3.50 20.46
CA LEU A 97 2.61 -2.58 20.95
C LEU A 97 2.65 -2.38 22.48
N GLU A 98 2.76 -3.47 23.25
CA GLU A 98 2.65 -3.41 24.70
C GLU A 98 3.75 -2.56 25.33
N LYS A 99 4.99 -2.90 24.99
CA LYS A 99 6.16 -2.13 25.39
C LYS A 99 6.08 -0.68 24.92
N ALA A 100 5.67 -0.48 23.66
CA ALA A 100 5.70 0.87 23.09
C ALA A 100 4.72 1.75 23.83
N LEU A 101 3.56 1.20 24.23
CA LEU A 101 2.55 2.04 24.89
C LEU A 101 3.01 2.48 26.25
N GLU A 102 3.77 1.62 26.93
CA GLU A 102 4.38 1.95 28.20
C GLU A 102 5.37 3.09 28.02
N VAL A 103 6.23 2.97 27.01
CA VAL A 103 7.21 4.03 26.78
C VAL A 103 6.49 5.35 26.43
N PHE A 104 5.52 5.29 25.52
CA PHE A 104 4.75 6.46 25.15
C PHE A 104 4.11 7.11 26.41
N SER A 105 3.49 6.29 27.25
CA SER A 105 2.92 6.78 28.49
C SER A 105 3.95 7.48 29.39
N ASP A 106 5.12 6.88 29.56
CA ASP A 106 6.14 7.53 30.38
C ASP A 106 6.72 8.79 29.76
N LEU A 107 6.88 8.82 28.43
CA LEU A 107 7.30 10.02 27.71
C LEU A 107 6.34 11.17 27.95
N LYS A 108 5.04 10.87 27.84
CA LYS A 108 4.02 11.88 28.06
C LYS A 108 4.07 12.41 29.50
N LYS A 109 4.28 11.51 30.44
CA LYS A 109 4.38 11.88 31.86
C LYS A 109 5.57 12.79 32.11
N GLU A 110 6.71 12.47 31.49
CA GLU A 110 7.93 13.25 31.64
C GLU A 110 7.90 14.57 30.87
N TYR A 111 7.39 14.55 29.63
CA TYR A 111 7.54 15.69 28.73
C TYR A 111 6.27 16.48 28.41
N GLY A 112 5.08 15.89 28.64
CA GLY A 112 3.82 16.59 28.43
C GLY A 112 3.30 16.83 27.03
N PHE A 113 3.94 16.23 26.02
CA PHE A 113 3.58 16.40 24.63
C PHE A 113 2.58 15.32 24.21
N PRO A 114 1.81 15.59 23.15
CA PRO A 114 1.05 14.52 22.52
C PRO A 114 1.99 13.60 21.73
N VAL A 115 1.51 12.41 21.43
CA VAL A 115 2.31 11.44 20.69
C VAL A 115 1.49 10.91 19.52
N LEU A 116 2.22 10.30 18.58
CA LEU A 116 1.68 9.77 17.35
C LEU A 116 2.33 8.44 17.05
N THR A 117 1.52 7.54 16.52
CA THR A 117 2.06 6.32 15.97
C THR A 117 1.19 5.83 14.84
N ASP A 118 1.73 4.99 13.98
CA ASP A 118 0.94 4.44 12.91
C ASP A 118 0.20 3.17 13.30
N ILE A 119 -0.98 3.02 12.71
CA ILE A 119 -1.80 1.84 12.96
C ILE A 119 -2.10 1.14 11.63
N HIS A 120 -2.28 -0.17 11.71
CA HIS A 120 -2.36 -1.01 10.54
C HIS A 120 -3.59 -1.93 10.53
N THR A 121 -4.23 -2.12 11.68
CA THR A 121 -5.45 -2.92 11.76
C THR A 121 -6.48 -2.22 12.66
N GLU A 122 -7.74 -2.63 12.53
CA GLU A 122 -8.81 -2.11 13.39
C GLU A 122 -8.49 -2.39 14.86
N GLU A 123 -7.95 -3.59 15.15
CA GLU A 123 -7.60 -3.98 16.54
C GLU A 123 -6.48 -3.08 17.11
N GLN A 124 -5.56 -2.68 16.24
CA GLN A 124 -4.47 -1.79 16.65
C GLN A 124 -4.97 -0.43 17.01
N CYS A 125 -5.94 0.12 16.27
CA CYS A 125 -6.53 1.44 16.64
C CYS A 125 -7.12 1.42 18.05
N ALA A 126 -7.90 0.38 18.37
CA ALA A 126 -8.49 0.29 19.71
C ALA A 126 -7.40 0.10 20.78
N ALA A 127 -6.35 -0.64 20.45
CA ALA A 127 -5.32 -1.02 21.41
C ALA A 127 -4.46 0.18 21.76
N VAL A 128 -4.20 1.05 20.79
CA VAL A 128 -3.27 2.20 21.09
C VAL A 128 -4.03 3.45 21.50
N ALA A 129 -5.32 3.52 21.16
CA ALA A 129 -6.11 4.73 21.43
C ALA A 129 -6.12 5.22 22.88
N PRO A 130 -6.08 4.31 23.86
CA PRO A 130 -6.05 4.80 25.26
C PRO A 130 -4.87 5.71 25.59
N VAL A 131 -3.73 5.51 24.92
CA VAL A 131 -2.50 6.28 25.19
C VAL A 131 -2.11 7.28 24.08
N VAL A 132 -2.32 6.91 22.83
CA VAL A 132 -1.77 7.69 21.70
C VAL A 132 -2.75 8.76 21.25
N ASP A 133 -2.26 9.99 21.16
CA ASP A 133 -3.10 11.15 20.82
C ASP A 133 -3.49 11.28 19.37
N VAL A 134 -2.58 10.89 18.49
CA VAL A 134 -2.78 11.04 17.04
C VAL A 134 -2.54 9.69 16.39
N LEU A 135 -3.59 9.09 15.84
CA LEU A 135 -3.43 7.88 15.09
C LEU A 135 -3.10 8.23 13.64
N GLN A 136 -2.10 7.54 13.10
CA GLN A 136 -1.65 7.75 11.73
C GLN A 136 -1.98 6.58 10.80
N ILE A 137 -2.62 6.91 9.69
CA ILE A 137 -2.87 5.92 8.63
C ILE A 137 -1.71 6.01 7.65
N PRO A 138 -0.91 4.94 7.54
CA PRO A 138 0.21 4.88 6.59
C PRO A 138 -0.21 5.06 5.17
N ALA A 139 0.75 5.51 4.35
CA ALA A 139 0.44 5.81 2.96
C ALA A 139 -0.16 4.60 2.22
N PHE A 140 0.37 3.43 2.48
CA PHE A 140 -0.12 2.22 1.80
C PHE A 140 -1.53 1.82 2.20
N LEU A 141 -2.01 2.33 3.34
CA LEU A 141 -3.34 1.99 3.82
C LEU A 141 -4.35 3.10 3.67
N CYS A 142 -4.02 4.16 2.94
CA CYS A 142 -4.89 5.33 2.93
C CYS A 142 -6.21 5.11 2.19
N ARG A 143 -6.32 4.03 1.42
CA ARG A 143 -7.59 3.73 0.76
C ARG A 143 -8.42 2.67 1.50
N GLN A 144 -7.95 2.17 2.65
CA GLN A 144 -8.60 1.07 3.35
C GLN A 144 -9.70 1.63 4.24
N THR A 145 -10.87 1.74 3.64
CA THR A 145 -12.03 2.41 4.23
C THR A 145 -12.32 1.89 5.64
N ASP A 146 -12.24 0.59 5.88
CA ASP A 146 -12.57 0.10 7.22
C ASP A 146 -11.57 0.55 8.28
N LEU A 147 -10.31 0.71 7.90
CA LEU A 147 -9.29 1.23 8.84
C LEU A 147 -9.50 2.69 9.12
N LEU A 148 -9.88 3.47 8.10
CA LEU A 148 -10.16 4.91 8.26
C LEU A 148 -11.34 5.08 9.25
N ILE A 149 -12.37 4.25 9.09
CA ILE A 149 -13.54 4.29 9.99
C ILE A 149 -13.18 3.84 11.42
N ALA A 150 -12.36 2.81 11.56
CA ALA A 150 -11.97 2.38 12.87
C ALA A 150 -11.14 3.46 13.62
N ALA A 151 -10.23 4.11 12.89
CA ALA A 151 -9.42 5.17 13.50
C ALA A 151 -10.38 6.27 13.88
N ALA A 152 -11.27 6.61 12.96
CA ALA A 152 -12.21 7.69 13.24
C ALA A 152 -13.00 7.41 14.52
N ARG A 153 -13.46 6.17 14.67
CA ARG A 153 -14.30 5.82 15.80
C ARG A 153 -13.60 5.86 17.16
N THR A 154 -12.25 5.93 17.20
CA THR A 154 -11.55 6.08 18.49
C THR A 154 -11.72 7.46 19.09
N GLY A 155 -12.09 8.42 18.23
CA GLY A 155 -12.20 9.81 18.63
C GLY A 155 -10.85 10.52 18.76
N ARG A 156 -9.75 9.82 18.48
CA ARG A 156 -8.44 10.46 18.40
C ARG A 156 -8.28 11.32 17.14
N VAL A 157 -7.30 12.22 17.18
CA VAL A 157 -6.91 12.91 15.99
C VAL A 157 -6.36 11.86 15.02
N VAL A 158 -6.79 11.96 13.76
CA VAL A 158 -6.33 11.07 12.68
C VAL A 158 -5.48 11.82 11.65
N ASN A 159 -4.22 11.41 11.57
CA ASN A 159 -3.35 11.87 10.47
C ASN A 159 -3.30 10.89 9.32
N VAL A 160 -3.69 11.33 8.14
CA VAL A 160 -3.68 10.44 6.99
C VAL A 160 -2.51 10.80 6.11
N LYS A 161 -1.62 9.85 5.91
CA LYS A 161 -0.55 10.07 4.92
C LYS A 161 -1.10 9.81 3.50
N LYS A 162 -1.01 10.81 2.63
CA LYS A 162 -1.52 10.70 1.29
C LYS A 162 -0.69 9.70 0.50
N GLY A 163 -1.36 8.67 -0.03
CA GLY A 163 -0.64 7.60 -0.76
C GLY A 163 0.08 8.15 -2.01
N GLN A 164 1.24 7.56 -2.34
CA GLN A 164 2.00 8.12 -3.48
C GLN A 164 1.33 7.81 -4.82
N PHE A 165 0.23 7.09 -4.75
CA PHE A 165 -0.57 6.71 -5.90
C PHE A 165 -1.85 7.55 -5.95
N LEU A 166 -2.00 8.51 -5.03
CA LEU A 166 -3.17 9.35 -5.05
C LEU A 166 -2.87 10.72 -5.65
N ALA A 167 -3.93 11.33 -6.18
CA ALA A 167 -3.94 12.74 -6.53
C ALA A 167 -4.47 13.60 -5.39
N PRO A 168 -4.09 14.89 -5.36
CA PRO A 168 -4.43 15.73 -4.20
C PRO A 168 -5.94 15.77 -3.95
N TRP A 169 -6.70 15.85 -5.03
CA TRP A 169 -8.18 15.89 -4.94
C TRP A 169 -8.79 14.60 -4.44
N ASP A 170 -8.07 13.48 -4.60
CA ASP A 170 -8.51 12.16 -4.08
C ASP A 170 -8.66 12.16 -2.56
N MET A 171 -7.97 13.08 -1.87
CA MET A 171 -8.00 13.14 -0.44
C MET A 171 -9.34 13.60 0.08
N LYS A 172 -10.15 14.25 -0.74
CA LYS A 172 -11.50 14.64 -0.32
C LYS A 172 -12.26 13.39 0.15
N ASN A 173 -12.19 12.33 -0.66
CA ASN A 173 -12.89 11.08 -0.42
C ASN A 173 -12.27 10.27 0.73
N VAL A 174 -10.94 10.31 0.86
CA VAL A 174 -10.25 9.70 1.96
C VAL A 174 -10.60 10.38 3.31
N LEU A 175 -10.41 11.69 3.37
CA LEU A 175 -10.67 12.43 4.62
C LEU A 175 -12.18 12.36 5.02
N ALA A 176 -13.05 12.35 4.02
CA ALA A 176 -14.49 12.14 4.23
C ALA A 176 -14.81 10.85 4.98
N LYS A 177 -14.03 9.78 4.77
CA LYS A 177 -14.32 8.56 5.49
C LYS A 177 -14.18 8.77 6.99
N ILE A 178 -13.25 9.64 7.38
CA ILE A 178 -13.09 10.00 8.78
C ILE A 178 -14.14 11.00 9.28
N THR A 179 -14.34 12.10 8.56
CA THR A 179 -15.20 13.17 9.02
C THR A 179 -16.68 12.74 8.98
N GLU A 180 -17.07 12.03 7.93
CA GLU A 180 -18.46 11.51 7.84
C GLU A 180 -18.71 10.38 8.85
N SER A 181 -17.65 9.75 9.35
CA SER A 181 -17.76 8.77 10.43
C SER A 181 -17.89 9.43 11.81
N GLY A 182 -17.91 10.77 11.86
CA GLY A 182 -18.15 11.47 13.13
C GLY A 182 -16.94 12.08 13.83
N ASN A 183 -15.75 12.01 13.20
CA ASN A 183 -14.53 12.57 13.78
C ASN A 183 -14.03 13.74 12.94
N PRO A 184 -14.09 14.98 13.47
CA PRO A 184 -13.77 16.13 12.67
C PRO A 184 -12.30 16.55 12.73
N ASN A 185 -11.50 15.82 13.50
CA ASN A 185 -10.12 16.18 13.77
C ASN A 185 -9.19 15.36 12.92
N VAL A 186 -8.98 15.82 11.70
CA VAL A 186 -8.10 15.13 10.71
C VAL A 186 -6.99 16.04 10.21
N LEU A 187 -5.82 15.43 10.00
CA LEU A 187 -4.66 16.07 9.41
C LEU A 187 -4.35 15.34 8.10
N ALA A 188 -3.90 16.07 7.10
CA ALA A 188 -3.59 15.50 5.79
C ALA A 188 -2.11 15.75 5.54
N THR A 189 -1.38 14.68 5.35
CA THR A 189 0.06 14.75 5.21
C THR A 189 0.44 14.45 3.79
N GLU A 190 1.13 15.39 3.17
CA GLU A 190 1.76 15.27 1.89
C GLU A 190 3.09 14.53 2.02
N ARG A 191 3.27 13.47 1.27
CA ARG A 191 4.55 12.72 1.31
C ARG A 191 5.13 12.31 -0.04
N GLY A 192 4.74 13.02 -1.10
CA GLY A 192 5.24 12.82 -2.45
C GLY A 192 4.39 11.86 -3.29
N VAL A 193 4.52 11.96 -4.61
CA VAL A 193 3.81 11.07 -5.53
C VAL A 193 4.78 10.42 -6.49
N SER A 194 4.41 9.23 -6.92
CA SER A 194 5.21 8.47 -7.88
C SER A 194 5.42 9.20 -9.20
N PHE A 195 6.69 9.28 -9.58
CA PHE A 195 7.14 9.94 -10.74
C PHE A 195 8.09 9.00 -11.50
N GLY A 196 7.56 8.21 -12.44
CA GLY A 196 8.32 7.19 -13.10
C GLY A 196 8.70 6.10 -12.11
N TYR A 197 9.89 5.53 -12.28
CA TYR A 197 10.38 4.44 -11.45
C TYR A 197 11.37 4.97 -10.41
N ASN A 198 11.22 4.51 -9.17
CA ASN A 198 12.17 4.74 -8.05
C ASN A 198 12.37 6.21 -7.76
N THR A 199 11.31 6.99 -8.01
CA THR A 199 11.35 8.46 -7.86
C THR A 199 10.01 9.00 -7.34
N LEU A 200 10.07 9.91 -6.39
CA LEU A 200 8.88 10.64 -5.99
C LEU A 200 9.09 12.07 -6.40
N VAL A 201 7.99 12.74 -6.70
CA VAL A 201 8.04 14.20 -6.85
C VAL A 201 7.06 14.86 -5.85
N SER A 202 7.37 16.08 -5.42
CA SER A 202 6.50 16.85 -4.55
CA SER A 202 6.52 16.86 -4.53
C SER A 202 5.82 17.93 -5.37
N ASP A 203 4.55 17.73 -5.65
CA ASP A 203 3.73 18.71 -6.37
C ASP A 203 3.22 19.69 -5.31
N MET A 204 3.84 20.86 -5.26
CA MET A 204 3.46 21.89 -4.32
C MET A 204 1.99 22.37 -4.46
N ARG A 205 1.33 22.12 -5.58
CA ARG A 205 -0.08 22.39 -5.70
C ARG A 205 -0.92 21.50 -4.81
N ALA A 206 -0.40 20.34 -4.37
CA ALA A 206 -1.10 19.51 -3.40
C ALA A 206 -1.44 20.26 -2.12
N LEU A 207 -0.62 21.24 -1.75
CA LEU A 207 -0.78 21.90 -0.48
C LEU A 207 -2.03 22.80 -0.43
N PRO A 208 -2.17 23.77 -1.36
CA PRO A 208 -3.44 24.53 -1.43
C PRO A 208 -4.66 23.67 -1.77
N ILE A 209 -4.51 22.65 -2.63
CA ILE A 209 -5.64 21.76 -2.89
C ILE A 209 -6.19 21.04 -1.65
N MET A 210 -5.33 20.34 -0.92
CA MET A 210 -5.73 19.73 0.31
C MET A 210 -6.19 20.76 1.39
N ALA A 211 -5.55 21.90 1.48
CA ALA A 211 -5.98 22.92 2.45
C ALA A 211 -7.42 23.36 2.14
N GLY A 212 -7.77 23.37 0.86
CA GLY A 212 -9.12 23.76 0.40
C GLY A 212 -10.17 22.77 0.85
N LEU A 213 -9.74 21.59 1.29
CA LEU A 213 -10.65 20.60 1.83
C LEU A 213 -11.01 20.90 3.25
N GLY A 214 -10.31 21.85 3.84
CA GLY A 214 -10.54 22.26 5.19
C GLY A 214 -9.70 21.65 6.29
N ALA A 215 -8.86 20.66 6.02
CA ALA A 215 -8.04 20.07 7.09
C ALA A 215 -6.65 20.75 7.12
N PRO A 216 -6.02 20.82 8.30
CA PRO A 216 -4.63 21.28 8.37
C PRO A 216 -3.74 20.36 7.54
N VAL A 217 -2.86 20.96 6.76
CA VAL A 217 -1.96 20.25 5.90
C VAL A 217 -0.56 20.14 6.53
N ILE A 218 -0.04 18.93 6.51
CA ILE A 218 1.27 18.60 7.07
C ILE A 218 2.21 18.18 5.94
N PHE A 219 3.45 18.66 5.96
CA PHE A 219 4.42 18.29 4.94
C PHE A 219 5.50 17.36 5.51
N ASP A 220 5.57 16.16 4.95
CA ASP A 220 6.54 15.14 5.32
C ASP A 220 7.80 15.29 4.44
N ALA A 221 8.76 16.02 4.97
CA ALA A 221 9.97 16.36 4.27
C ALA A 221 10.85 15.17 4.04
N THR A 222 10.91 14.24 5.01
CA THR A 222 11.78 13.11 4.87
C THR A 222 11.32 12.02 3.91
N HIS A 223 10.03 11.72 3.83
CA HIS A 223 9.57 10.72 2.85
C HIS A 223 9.37 11.29 1.48
N SER A 224 9.12 12.60 1.38
CA SER A 224 8.94 13.23 0.10
C SER A 224 10.21 13.21 -0.78
N VAL A 225 11.40 13.08 -0.19
CA VAL A 225 12.66 13.02 -0.96
C VAL A 225 13.12 11.62 -1.33
N GLN A 226 12.48 10.61 -0.77
CA GLN A 226 13.10 9.28 -0.81
C GLN A 226 13.08 8.74 -2.24
N GLN A 227 14.00 7.79 -2.47
CA GLN A 227 14.05 7.01 -3.70
C GLN A 227 13.35 5.67 -3.39
N PRO A 228 12.09 5.53 -3.82
CA PRO A 228 11.41 4.25 -3.55
C PRO A 228 12.21 3.09 -4.13
N GLY A 229 12.54 2.09 -3.30
CA GLY A 229 13.33 0.94 -3.73
C GLY A 229 14.78 1.30 -4.01
N GLN A 238 19.40 11.41 -0.98
CA GLN A 238 18.10 12.04 -0.91
C GLN A 238 18.00 13.05 0.26
N ARG A 239 18.72 12.82 1.37
CA ARG A 239 18.69 13.75 2.51
C ARG A 239 19.11 15.16 2.13
N GLU A 240 19.97 15.30 1.10
CA GLU A 240 20.44 16.62 0.68
C GLU A 240 19.29 17.47 0.14
N PHE A 241 18.15 16.86 -0.18
CA PHE A 241 16.99 17.65 -0.67
C PHE A 241 15.86 17.88 0.37
N VAL A 242 16.05 17.43 1.60
CA VAL A 242 15.05 17.60 2.67
C VAL A 242 14.81 19.07 2.93
N GLU A 243 15.90 19.82 3.07
CA GLU A 243 15.78 21.26 3.30
C GLU A 243 15.14 21.97 2.08
N THR A 244 15.55 21.59 0.87
CA THR A 244 14.99 22.16 -0.38
C THR A 244 13.46 22.07 -0.36
N LEU A 245 12.96 20.84 -0.23
CA LEU A 245 11.51 20.60 -0.20
C LEU A 245 10.80 21.29 0.98
N ALA A 246 11.44 21.26 2.16
CA ALA A 246 10.90 21.91 3.37
C ALA A 246 10.75 23.40 3.19
N ARG A 247 11.78 24.04 2.64
CA ARG A 247 11.70 25.48 2.35
C ARG A 247 10.57 25.79 1.37
N ALA A 248 10.46 25.00 0.29
CA ALA A 248 9.35 25.20 -0.65
C ALA A 248 7.99 25.11 0.02
N ALA A 249 7.79 24.07 0.82
CA ALA A 249 6.49 23.84 1.47
C ALA A 249 6.11 24.95 2.48
N VAL A 250 7.07 25.42 3.23
CA VAL A 250 6.75 26.37 4.29
C VAL A 250 6.34 27.70 3.64
N ALA A 251 6.95 28.03 2.50
CA ALA A 251 6.66 29.28 1.81
C ALA A 251 5.29 29.26 1.16
N VAL A 252 4.88 28.08 0.70
CA VAL A 252 3.55 27.87 0.17
C VAL A 252 2.51 28.00 1.29
N GLY A 253 2.81 27.37 2.42
CA GLY A 253 1.95 27.47 3.61
C GLY A 253 1.43 26.13 4.04
N VAL A 254 1.87 25.69 5.22
CA VAL A 254 1.43 24.45 5.82
C VAL A 254 1.18 24.63 7.31
N ALA A 255 0.32 23.78 7.86
CA ALA A 255 0.05 23.77 9.28
C ALA A 255 1.26 23.21 10.04
N GLY A 256 1.93 22.23 9.43
CA GLY A 256 2.99 21.55 10.12
C GLY A 256 3.95 20.81 9.22
N PHE A 257 5.02 20.35 9.87
CA PHE A 257 6.01 19.49 9.27
C PHE A 257 6.07 18.14 9.97
N PHE A 258 6.37 17.12 9.17
CA PHE A 258 6.53 15.78 9.63
C PHE A 258 7.97 15.46 9.21
N ILE A 259 8.84 15.30 10.18
CA ILE A 259 10.24 15.11 9.92
C ILE A 259 10.72 13.92 10.76
N GLU A 260 11.23 12.90 10.12
CA GLU A 260 11.88 11.81 10.85
C GLU A 260 13.34 12.14 11.08
N THR A 261 13.81 11.85 12.29
CA THR A 261 15.12 12.26 12.73
C THR A 261 15.71 11.20 13.66
N HIS A 262 17.03 11.17 13.70
CA HIS A 262 17.75 10.14 14.47
C HIS A 262 19.17 10.66 14.65
N GLU A 263 19.85 10.18 15.70
CA GLU A 263 21.19 10.65 16.02
C GLU A 263 22.22 10.11 15.05
N ASP A 264 21.94 8.97 14.44
CA ASP A 264 22.91 8.37 13.51
C ASP A 264 22.17 7.66 12.42
N PRO A 265 21.54 8.44 11.50
CA PRO A 265 20.60 7.86 10.55
C PRO A 265 21.16 6.72 9.70
N ASP A 266 22.41 6.85 9.25
CA ASP A 266 23.07 5.80 8.47
C ASP A 266 23.06 4.44 9.19
N ASN A 267 23.16 4.46 10.52
CA ASN A 267 23.11 3.23 11.33
C ASN A 267 21.79 2.89 12.02
N ALA A 268 20.71 3.55 11.62
CA ALA A 268 19.42 3.37 12.28
C ALA A 268 18.75 2.07 11.82
N PRO A 269 17.88 1.49 12.65
CA PRO A 269 17.26 0.19 12.33
C PRO A 269 16.31 0.20 11.12
N SER A 270 15.68 1.34 10.88
CA SER A 270 14.76 1.48 9.78
C SER A 270 14.80 2.89 9.25
N ASP A 271 14.55 3.02 7.93
CA ASP A 271 14.36 4.30 7.22
C ASP A 271 15.56 5.27 7.26
N GLY A 272 16.74 4.74 7.60
CA GLY A 272 17.92 5.54 7.91
C GLY A 272 18.40 6.53 6.84
N PRO A 273 18.36 6.11 5.56
CA PRO A 273 18.82 7.01 4.49
C PRO A 273 18.08 8.33 4.41
N ASN A 274 16.86 8.37 4.93
CA ASN A 274 15.98 9.52 4.77
C ASN A 274 15.96 10.50 5.94
N MET A 275 16.38 10.05 7.13
CA MET A 275 16.12 10.79 8.37
C MET A 275 17.15 11.88 8.54
N VAL A 276 16.72 13.01 9.11
CA VAL A 276 17.62 14.12 9.36
C VAL A 276 18.44 13.84 10.61
N PRO A 277 19.75 14.06 10.57
CA PRO A 277 20.50 13.92 11.80
C PRO A 277 19.98 14.88 12.83
N ILE A 278 19.75 14.39 14.04
CA ILE A 278 19.16 15.21 15.11
C ILE A 278 19.96 16.51 15.34
N ASP A 279 21.27 16.51 15.19
CA ASP A 279 22.07 17.74 15.42
C ASP A 279 21.88 18.81 14.34
N LYS A 280 21.33 18.41 13.20
CA LYS A 280 20.98 19.35 12.12
C LYS A 280 19.56 19.93 12.24
N MET A 281 18.76 19.39 13.14
CA MET A 281 17.37 19.79 13.28
C MET A 281 17.18 21.26 13.75
N PRO A 282 17.96 21.73 14.74
CA PRO A 282 17.74 23.13 15.16
C PRO A 282 17.94 24.13 14.03
N ALA A 283 19.00 23.99 13.23
CA ALA A 283 19.24 24.89 12.11
C ALA A 283 18.13 24.80 11.08
N LEU A 284 17.66 23.59 10.77
CA LEU A 284 16.57 23.44 9.81
C LEU A 284 15.33 24.20 10.29
N LEU A 285 14.95 23.92 11.51
CA LEU A 285 13.74 24.46 12.09
C LEU A 285 13.84 25.98 12.20
N GLU A 286 15.01 26.51 12.55
CA GLU A 286 15.14 27.97 12.62
C GLU A 286 14.84 28.59 11.25
N LYS A 287 15.30 27.96 10.19
CA LYS A 287 15.11 28.46 8.84
C LYS A 287 13.63 28.41 8.46
N LEU A 288 13.01 27.28 8.73
CA LEU A 288 11.59 27.09 8.45
C LEU A 288 10.73 28.15 9.15
N MET A 289 11.06 28.45 10.41
CA MET A 289 10.27 29.41 11.17
C MET A 289 10.40 30.83 10.60
N ALA A 290 11.58 31.18 10.07
CA ALA A 290 11.76 32.45 9.37
C ALA A 290 10.83 32.60 8.19
N PHE A 291 10.75 31.57 7.33
CA PHE A 291 9.82 31.62 6.22
C PHE A 291 8.36 31.57 6.68
N ASP A 292 8.06 30.77 7.70
CA ASP A 292 6.69 30.60 8.18
C ASP A 292 6.10 31.97 8.63
N ARG A 293 6.92 32.78 9.27
CA ARG A 293 6.51 34.09 9.76
C ARG A 293 5.99 34.95 8.61
N ILE A 294 6.68 34.89 7.48
CA ILE A 294 6.25 35.59 6.27
C ILE A 294 5.05 34.91 5.63
N ALA A 295 5.12 33.60 5.45
CA ALA A 295 4.04 32.87 4.82
C ALA A 295 2.73 33.01 5.55
N LYS A 296 2.77 33.13 6.87
CA LYS A 296 1.52 33.12 7.65
C LYS A 296 0.92 34.53 7.81
N ALA A 297 1.56 35.54 7.26
CA ALA A 297 0.97 36.89 7.23
C ALA A 297 0.14 37.14 5.97
N LEU A 298 0.27 36.27 4.96
CA LEU A 298 -0.27 36.55 3.63
C LEU A 298 -1.60 35.84 3.40
N MET B 22 20.75 -20.33 -2.11
CA MET B 22 19.85 -21.08 -1.19
C MET B 22 18.57 -21.35 -1.97
N VAL B 23 17.41 -21.03 -1.40
CA VAL B 23 16.13 -21.29 -2.08
C VAL B 23 15.90 -20.19 -3.13
N THR B 24 15.47 -20.61 -4.33
CA THR B 24 15.26 -19.69 -5.46
C THR B 24 13.85 -19.92 -6.01
N ALA B 25 13.30 -18.93 -6.70
CA ALA B 25 11.92 -19.03 -7.22
C ALA B 25 11.87 -20.14 -8.26
N ASN B 26 10.77 -20.91 -8.29
CA ASN B 26 10.54 -21.90 -9.32
C ASN B 26 10.06 -21.21 -10.60
N SER B 27 10.71 -21.49 -11.74
CA SER B 27 10.28 -20.94 -13.03
C SER B 27 9.04 -21.69 -13.52
N THR B 28 8.84 -22.92 -13.05
CA THR B 28 7.57 -23.63 -13.24
C THR B 28 6.91 -23.86 -11.89
N VAL B 29 5.66 -23.39 -11.74
CA VAL B 29 4.89 -23.52 -10.54
C VAL B 29 3.67 -24.36 -10.83
N LYS B 30 3.57 -25.49 -10.14
CA LYS B 30 2.46 -26.38 -10.36
C LYS B 30 1.45 -26.11 -9.27
N VAL B 31 0.22 -25.89 -9.66
CA VAL B 31 -0.83 -25.70 -8.68
C VAL B 31 -1.96 -26.64 -9.02
N GLY B 32 -2.14 -27.70 -8.23
CA GLY B 32 -3.16 -28.67 -8.53
C GLY B 32 -2.90 -29.16 -9.94
N ASN B 33 -3.90 -29.09 -10.79
CA ASN B 33 -3.77 -29.54 -12.18
C ASN B 33 -3.35 -28.44 -13.17
N VAL B 34 -2.93 -27.30 -12.64
CA VAL B 34 -2.48 -26.17 -13.45
C VAL B 34 -0.95 -26.01 -13.36
N THR B 35 -0.34 -25.70 -14.49
CA THR B 35 1.08 -25.40 -14.58
C THR B 35 1.22 -23.94 -15.03
N PHE B 36 1.99 -23.16 -14.26
CA PHE B 36 2.38 -21.83 -14.64
C PHE B 36 3.86 -21.83 -14.95
N SER B 37 4.21 -21.35 -16.14
CA SER B 37 5.60 -21.06 -16.54
C SER B 37 5.65 -20.07 -17.70
N ASN B 38 6.66 -19.21 -17.74
CA ASN B 38 6.77 -18.23 -18.83
C ASN B 38 7.08 -18.96 -20.17
N SER B 39 7.42 -20.25 -20.08
CA SER B 39 7.63 -21.11 -21.25
C SER B 39 6.48 -22.04 -21.61
N ALA B 40 5.46 -22.12 -20.76
CA ALA B 40 4.32 -23.00 -20.98
C ALA B 40 3.12 -22.27 -21.57
N PRO B 41 2.16 -23.03 -22.10
CA PRO B 41 0.94 -22.29 -22.50
C PRO B 41 0.37 -21.50 -21.32
N LEU B 42 -0.17 -20.34 -21.65
CA LEU B 42 -0.91 -19.48 -20.76
C LEU B 42 -1.90 -20.27 -19.92
N ALA B 43 -1.97 -19.95 -18.62
CA ALA B 43 -3.06 -20.41 -17.79
C ALA B 43 -3.85 -19.21 -17.32
N LEU B 44 -5.06 -19.46 -16.84
CA LEU B 44 -6.01 -18.43 -16.51
C LEU B 44 -6.31 -18.45 -15.04
N ILE B 45 -6.22 -17.27 -14.42
CA ILE B 45 -6.76 -17.00 -13.10
C ILE B 45 -7.98 -16.09 -13.31
N ALA B 46 -9.17 -16.53 -12.91
CA ALA B 46 -10.36 -15.75 -13.26
C ALA B 46 -11.46 -16.01 -12.27
N GLY B 47 -12.38 -15.06 -12.16
CA GLY B 47 -13.52 -15.16 -11.24
C GLY B 47 -13.99 -13.76 -10.92
N PRO B 48 -15.01 -13.65 -10.08
CA PRO B 48 -15.54 -12.37 -9.69
C PRO B 48 -14.63 -11.72 -8.66
N CYS B 49 -14.83 -10.42 -8.47
CA CYS B 49 -14.09 -9.72 -7.42
C CYS B 49 -14.40 -10.32 -6.07
N GLN B 50 -15.69 -10.31 -5.71
CA GLN B 50 -16.14 -10.80 -4.40
C GLN B 50 -17.06 -12.00 -4.57
N MET B 51 -16.89 -12.98 -3.68
CA MET B 51 -17.81 -14.10 -3.59
C MET B 51 -19.17 -13.57 -3.15
N GLU B 52 -20.22 -13.94 -3.87
CA GLU B 52 -21.55 -13.47 -3.56
C GLU B 52 -22.29 -14.54 -2.79
N THR B 53 -22.85 -15.51 -3.51
CA THR B 53 -23.63 -16.58 -2.93
C THR B 53 -22.98 -17.83 -3.42
N ARG B 54 -23.27 -18.92 -2.73
CA ARG B 54 -22.84 -20.23 -3.16
C ARG B 54 -23.29 -20.54 -4.59
N ASP B 55 -24.56 -20.25 -4.90
CA ASP B 55 -25.06 -20.48 -6.25
C ASP B 55 -24.32 -19.64 -7.29
N HIS B 56 -24.03 -18.39 -6.95
CA HIS B 56 -23.33 -17.52 -7.88
C HIS B 56 -21.92 -18.09 -8.15
N ALA B 57 -21.23 -18.53 -7.10
CA ALA B 57 -19.92 -19.12 -7.25
C ALA B 57 -19.91 -20.33 -8.21
N PHE B 58 -20.87 -21.24 -8.08
CA PHE B 58 -20.88 -22.42 -8.93
C PHE B 58 -21.20 -22.08 -10.37
N GLU B 59 -22.01 -21.05 -10.56
CA GLU B 59 -22.33 -20.61 -11.89
C GLU B 59 -21.09 -20.04 -12.61
N MET B 60 -20.45 -19.03 -12.00
CA MET B 60 -19.26 -18.41 -12.59
C MET B 60 -18.25 -19.47 -12.90
N ALA B 61 -17.94 -20.30 -11.91
CA ALA B 61 -16.93 -21.34 -12.02
C ALA B 61 -17.24 -22.34 -13.13
N GLY B 62 -18.50 -22.71 -13.25
CA GLY B 62 -18.91 -23.69 -14.27
C GLY B 62 -18.75 -23.12 -15.65
N ARG B 63 -19.18 -21.88 -15.81
CA ARG B 63 -18.99 -21.17 -17.07
C ARG B 63 -17.51 -21.01 -17.40
N LEU B 64 -16.71 -20.67 -16.42
CA LEU B 64 -15.27 -20.51 -16.68
C LEU B 64 -14.64 -21.87 -17.05
N LYS B 65 -14.98 -22.91 -16.29
CA LYS B 65 -14.40 -24.24 -16.55
C LYS B 65 -14.82 -24.75 -17.94
N GLU B 66 -16.09 -24.58 -18.30
CA GLU B 66 -16.55 -24.85 -19.69
C GLU B 66 -15.67 -24.27 -20.77
N MET B 67 -15.41 -22.97 -20.67
CA MET B 67 -14.62 -22.34 -21.69
C MET B 67 -13.14 -22.79 -21.59
N THR B 68 -12.60 -22.96 -20.39
CA THR B 68 -11.21 -23.41 -20.27
C THR B 68 -10.99 -24.86 -20.68
N ASP B 69 -11.95 -25.73 -20.37
CA ASP B 69 -11.98 -27.10 -20.91
C ASP B 69 -11.92 -27.10 -22.45
N LYS B 70 -12.79 -26.33 -23.12
CA LYS B 70 -12.81 -26.33 -24.60
C LYS B 70 -11.49 -25.87 -25.18
N LEU B 71 -10.91 -24.82 -24.59
CA LEU B 71 -9.65 -24.28 -25.09
C LEU B 71 -8.45 -25.06 -24.66
N GLY B 72 -8.58 -25.92 -23.65
CA GLY B 72 -7.43 -26.68 -23.19
C GLY B 72 -6.48 -25.83 -22.36
N ILE B 73 -7.02 -24.90 -21.58
CA ILE B 73 -6.20 -24.01 -20.72
C ILE B 73 -6.42 -24.33 -19.24
N GLY B 74 -5.38 -24.24 -18.43
CA GLY B 74 -5.52 -24.34 -16.97
C GLY B 74 -6.37 -23.19 -16.40
N LEU B 75 -7.19 -23.51 -15.41
CA LEU B 75 -8.00 -22.51 -14.70
C LEU B 75 -7.73 -22.57 -13.18
N VAL B 76 -7.42 -21.41 -12.60
CA VAL B 76 -7.50 -21.20 -11.18
C VAL B 76 -8.68 -20.27 -10.93
N TYR B 77 -9.64 -20.70 -10.10
CA TYR B 77 -10.85 -19.91 -9.86
C TYR B 77 -10.53 -18.98 -8.69
N LYS B 78 -10.84 -17.71 -8.83
CA LYS B 78 -10.57 -16.75 -7.76
C LYS B 78 -11.83 -16.07 -7.24
N SER B 79 -11.80 -15.70 -5.97
CA SER B 79 -12.78 -14.81 -5.35
C SER B 79 -12.20 -14.25 -4.06
N SER B 80 -12.61 -13.03 -3.74
CA SER B 80 -12.31 -12.44 -2.45
C SER B 80 -13.52 -12.66 -1.56
N PHE B 81 -13.27 -12.81 -0.27
CA PHE B 81 -14.31 -12.96 0.74
C PHE B 81 -14.51 -11.63 1.46
N LEU B 97 -15.71 -15.65 5.89
CA LEU B 97 -14.56 -16.53 5.64
C LEU B 97 -14.94 -18.00 5.83
N GLU B 98 -15.68 -18.29 6.89
CA GLU B 98 -16.14 -19.64 7.15
C GLU B 98 -16.99 -20.16 6.00
N LYS B 99 -18.03 -19.41 5.64
CA LYS B 99 -18.89 -19.75 4.51
C LYS B 99 -18.09 -19.81 3.20
N ALA B 100 -17.27 -18.79 2.99
CA ALA B 100 -16.44 -18.72 1.79
C ALA B 100 -15.56 -19.95 1.67
N LEU B 101 -14.90 -20.38 2.74
CA LEU B 101 -14.01 -21.54 2.65
C LEU B 101 -14.80 -22.82 2.32
N GLU B 102 -16.05 -22.91 2.78
CA GLU B 102 -16.95 -24.03 2.46
C GLU B 102 -17.35 -24.01 0.97
N VAL B 103 -17.65 -22.82 0.46
CA VAL B 103 -17.86 -22.65 -0.97
C VAL B 103 -16.63 -23.10 -1.78
N PHE B 104 -15.45 -22.58 -1.44
CA PHE B 104 -14.23 -22.97 -2.15
C PHE B 104 -14.08 -24.48 -2.13
N SER B 105 -14.24 -25.06 -0.94
CA SER B 105 -14.03 -26.50 -0.78
C SER B 105 -14.95 -27.31 -1.71
N ASP B 106 -16.22 -26.91 -1.75
CA ASP B 106 -17.23 -27.56 -2.62
C ASP B 106 -16.97 -27.37 -4.12
N LEU B 107 -16.60 -26.15 -4.51
CA LEU B 107 -16.15 -25.90 -5.88
C LEU B 107 -15.03 -26.84 -6.29
N LYS B 108 -14.05 -27.01 -5.39
CA LYS B 108 -12.93 -27.89 -5.68
C LYS B 108 -13.37 -29.37 -5.82
N LYS B 109 -14.22 -29.84 -4.91
CA LYS B 109 -14.77 -31.20 -5.00
C LYS B 109 -15.46 -31.42 -6.35
N GLU B 110 -16.31 -30.47 -6.73
CA GLU B 110 -17.09 -30.54 -7.96
C GLU B 110 -16.25 -30.36 -9.23
N TYR B 111 -15.39 -29.35 -9.25
CA TYR B 111 -14.71 -28.97 -10.49
C TYR B 111 -13.24 -29.41 -10.59
N GLY B 112 -12.60 -29.68 -9.47
CA GLY B 112 -11.26 -30.24 -9.49
C GLY B 112 -10.15 -29.21 -9.76
N PHE B 113 -10.52 -27.93 -9.87
CA PHE B 113 -9.51 -26.85 -10.06
C PHE B 113 -8.92 -26.34 -8.74
N PRO B 114 -7.76 -25.65 -8.81
CA PRO B 114 -7.28 -24.90 -7.66
C PRO B 114 -7.98 -23.55 -7.57
N VAL B 115 -7.92 -22.95 -6.38
CA VAL B 115 -8.56 -21.66 -6.11
C VAL B 115 -7.58 -20.66 -5.50
N LEU B 116 -7.95 -19.39 -5.61
CA LEU B 116 -7.09 -18.29 -5.16
C LEU B 116 -7.97 -17.31 -4.42
N THR B 117 -7.44 -16.71 -3.34
CA THR B 117 -8.10 -15.58 -2.71
C THR B 117 -7.04 -14.67 -2.13
N ASP B 118 -7.44 -13.43 -1.91
CA ASP B 118 -6.57 -12.40 -1.31
C ASP B 118 -6.55 -12.57 0.19
N ILE B 119 -5.39 -12.37 0.78
CA ILE B 119 -5.27 -12.31 2.21
C ILE B 119 -4.67 -10.97 2.62
N HIS B 120 -5.07 -10.49 3.79
CA HIS B 120 -4.74 -9.16 4.31
C HIS B 120 -3.99 -9.16 5.63
N THR B 121 -4.10 -10.25 6.38
CA THR B 121 -3.37 -10.39 7.64
C THR B 121 -2.74 -11.76 7.79
N GLU B 122 -1.80 -11.86 8.72
CA GLU B 122 -1.16 -13.13 9.06
C GLU B 122 -2.17 -14.18 9.47
N GLU B 123 -3.14 -13.75 10.26
CA GLU B 123 -4.19 -14.64 10.79
C GLU B 123 -5.01 -15.21 9.63
N GLN B 124 -5.37 -14.35 8.69
CA GLN B 124 -6.07 -14.77 7.49
C GLN B 124 -5.32 -15.85 6.66
N CYS B 125 -4.00 -15.72 6.48
CA CYS B 125 -3.21 -16.72 5.75
C CYS B 125 -3.44 -18.10 6.34
N ALA B 126 -3.30 -18.16 7.67
CA ALA B 126 -3.40 -19.40 8.42
C ALA B 126 -4.79 -20.01 8.29
N ALA B 127 -5.82 -19.17 8.36
CA ALA B 127 -7.19 -19.64 8.26
C ALA B 127 -7.53 -20.20 6.87
N VAL B 128 -7.05 -19.57 5.79
CA VAL B 128 -7.48 -19.99 4.46
C VAL B 128 -6.63 -21.10 3.87
N ALA B 129 -5.39 -21.23 4.35
CA ALA B 129 -4.42 -22.16 3.81
C ALA B 129 -4.84 -23.62 3.72
N PRO B 130 -5.64 -24.12 4.70
CA PRO B 130 -6.02 -25.55 4.58
C PRO B 130 -6.89 -25.81 3.36
N VAL B 131 -7.60 -24.78 2.86
CA VAL B 131 -8.42 -24.90 1.64
C VAL B 131 -7.87 -24.26 0.34
N VAL B 132 -7.34 -23.05 0.43
CA VAL B 132 -7.00 -22.24 -0.74
C VAL B 132 -5.60 -22.53 -1.31
N ASP B 133 -5.53 -22.87 -2.59
CA ASP B 133 -4.25 -23.29 -3.20
C ASP B 133 -3.23 -22.15 -3.42
N VAL B 134 -3.75 -20.98 -3.75
CA VAL B 134 -2.95 -19.79 -4.00
C VAL B 134 -3.37 -18.64 -3.08
N LEU B 135 -2.43 -18.18 -2.26
CA LEU B 135 -2.67 -17.04 -1.41
C LEU B 135 -2.24 -15.79 -2.17
N GLN B 136 -3.14 -14.82 -2.32
CA GLN B 136 -2.78 -13.62 -3.07
C GLN B 136 -2.54 -12.39 -2.17
N ILE B 137 -1.37 -11.76 -2.39
CA ILE B 137 -0.95 -10.52 -1.72
C ILE B 137 -1.43 -9.36 -2.58
N PRO B 138 -2.35 -8.56 -2.08
CA PRO B 138 -2.84 -7.39 -2.83
C PRO B 138 -1.72 -6.38 -3.05
N ALA B 139 -1.88 -5.56 -4.10
CA ALA B 139 -0.83 -4.66 -4.55
C ALA B 139 -0.44 -3.67 -3.45
N PHE B 140 -1.44 -3.19 -2.71
CA PHE B 140 -1.15 -2.25 -1.61
C PHE B 140 -0.33 -2.86 -0.48
N LEU B 141 -0.33 -4.20 -0.37
CA LEU B 141 0.41 -4.90 0.69
C LEU B 141 1.68 -5.61 0.22
N CYS B 142 2.08 -5.42 -1.03
CA CYS B 142 3.23 -6.14 -1.60
C CYS B 142 4.57 -5.89 -0.88
N ARG B 143 4.66 -4.79 -0.12
CA ARG B 143 5.88 -4.53 0.67
C ARG B 143 5.77 -4.95 2.15
N GLN B 144 4.66 -5.59 2.54
CA GLN B 144 4.45 -5.94 3.95
C GLN B 144 5.10 -7.27 4.33
N THR B 145 6.38 -7.17 4.66
CA THR B 145 7.25 -8.34 4.93
C THR B 145 6.61 -9.40 5.80
N ASP B 146 6.03 -8.96 6.91
CA ASP B 146 5.40 -9.91 7.82
C ASP B 146 4.31 -10.73 7.14
N LEU B 147 3.53 -10.11 6.25
CA LEU B 147 2.48 -10.81 5.52
C LEU B 147 3.06 -11.75 4.48
N LEU B 148 4.05 -11.24 3.73
CA LEU B 148 4.79 -12.06 2.78
C LEU B 148 5.34 -13.32 3.45
N ILE B 149 5.95 -13.15 4.63
CA ILE B 149 6.50 -14.29 5.40
C ILE B 149 5.41 -15.23 5.85
N ALA B 150 4.30 -14.68 6.37
CA ALA B 150 3.21 -15.55 6.82
C ALA B 150 2.70 -16.41 5.67
N ALA B 151 2.50 -15.80 4.50
CA ALA B 151 1.92 -16.51 3.38
C ALA B 151 2.90 -17.58 2.92
N ALA B 152 4.16 -17.23 2.85
CA ALA B 152 5.25 -18.16 2.50
C ALA B 152 5.22 -19.42 3.40
N ARG B 153 5.18 -19.19 4.70
CA ARG B 153 5.26 -20.30 5.68
C ARG B 153 4.06 -21.26 5.58
N THR B 154 2.94 -20.84 4.98
CA THR B 154 1.84 -21.78 4.79
C THR B 154 2.22 -22.91 3.82
N GLY B 155 3.23 -22.73 2.98
CA GLY B 155 3.54 -23.74 1.95
C GLY B 155 2.69 -23.68 0.67
N ARG B 156 1.70 -22.79 0.65
CA ARG B 156 0.89 -22.59 -0.56
C ARG B 156 1.63 -21.77 -1.60
N VAL B 157 1.07 -21.72 -2.81
CA VAL B 157 1.61 -20.86 -3.84
C VAL B 157 1.21 -19.45 -3.40
N VAL B 158 2.14 -18.51 -3.53
CA VAL B 158 1.87 -17.11 -3.20
C VAL B 158 1.94 -16.31 -4.48
N ASN B 159 0.83 -15.64 -4.82
CA ASN B 159 0.84 -14.66 -5.92
C ASN B 159 0.97 -13.25 -5.38
N VAL B 160 2.04 -12.52 -5.73
CA VAL B 160 2.19 -11.14 -5.27
C VAL B 160 1.80 -10.17 -6.39
N LYS B 161 0.81 -9.32 -6.15
CA LYS B 161 0.48 -8.26 -7.10
C LYS B 161 1.48 -7.15 -6.93
N LYS B 162 2.07 -6.74 -8.03
CA LYS B 162 3.08 -5.70 -8.02
C LYS B 162 2.42 -4.36 -7.72
N GLY B 163 2.88 -3.73 -6.66
CA GLY B 163 2.38 -2.39 -6.32
C GLY B 163 2.49 -1.39 -7.48
N GLN B 164 1.53 -0.48 -7.64
CA GLN B 164 1.60 0.46 -8.73
C GLN B 164 2.67 1.53 -8.49
N PHE B 165 3.21 1.54 -7.28
CA PHE B 165 4.37 2.37 -6.87
C PHE B 165 5.74 1.70 -7.03
N LEU B 166 5.77 0.43 -7.44
CA LEU B 166 7.00 -0.32 -7.65
C LEU B 166 7.46 -0.32 -9.11
N ALA B 167 8.76 -0.49 -9.30
CA ALA B 167 9.39 -0.70 -10.57
C ALA B 167 9.52 -2.22 -10.72
N PRO B 168 9.70 -2.72 -11.95
CA PRO B 168 9.62 -4.20 -12.09
C PRO B 168 10.77 -4.88 -11.34
N TRP B 169 11.94 -4.26 -11.37
CA TRP B 169 13.12 -4.82 -10.66
C TRP B 169 12.95 -4.80 -9.12
N ASP B 170 12.06 -3.95 -8.60
CA ASP B 170 11.74 -3.90 -7.16
C ASP B 170 11.13 -5.22 -6.68
N MET B 171 10.59 -6.01 -7.61
CA MET B 171 10.02 -7.30 -7.24
C MET B 171 11.08 -8.31 -6.81
N LYS B 172 12.35 -8.05 -7.10
CA LYS B 172 13.41 -8.95 -6.64
C LYS B 172 13.35 -9.13 -5.13
N ASN B 173 13.29 -8.04 -4.39
CA ASN B 173 13.37 -8.06 -2.95
C ASN B 173 12.06 -8.51 -2.34
N VAL B 174 10.94 -8.26 -3.04
CA VAL B 174 9.65 -8.76 -2.59
C VAL B 174 9.58 -10.28 -2.66
N LEU B 175 9.90 -10.83 -3.82
CA LEU B 175 9.93 -12.27 -4.05
C LEU B 175 10.92 -12.97 -3.07
N ALA B 176 12.08 -12.34 -2.85
CA ALA B 176 13.07 -12.86 -1.89
C ALA B 176 12.56 -13.07 -0.46
N LYS B 177 11.60 -12.27 -0.01
CA LYS B 177 10.98 -12.48 1.31
C LYS B 177 10.19 -13.78 1.39
N ILE B 178 9.61 -14.20 0.28
CA ILE B 178 8.92 -15.48 0.22
C ILE B 178 9.93 -16.62 0.07
N THR B 179 10.87 -16.48 -0.87
CA THR B 179 11.84 -17.58 -1.13
C THR B 179 12.84 -17.77 0.01
N GLU B 180 13.29 -16.69 0.64
CA GLU B 180 14.20 -16.79 1.78
C GLU B 180 13.49 -17.36 3.01
N SER B 181 12.15 -17.32 3.01
CA SER B 181 11.33 -17.98 4.00
C SER B 181 11.11 -19.47 3.74
N GLY B 182 11.63 -19.97 2.62
CA GLY B 182 11.65 -21.38 2.31
C GLY B 182 10.60 -21.79 1.30
N ASN B 183 9.87 -20.83 0.68
CA ASN B 183 8.80 -21.17 -0.27
C ASN B 183 9.25 -20.76 -1.69
N PRO B 184 9.44 -21.75 -2.59
CA PRO B 184 9.87 -21.49 -3.95
C PRO B 184 8.72 -21.24 -4.94
N ASN B 185 7.46 -21.35 -4.53
CA ASN B 185 6.33 -21.29 -5.43
C ASN B 185 5.65 -19.93 -5.38
N VAL B 186 6.23 -19.03 -6.17
CA VAL B 186 5.74 -17.65 -6.27
C VAL B 186 5.33 -17.25 -7.69
N LEU B 187 4.23 -16.47 -7.78
CA LEU B 187 3.76 -15.89 -9.02
C LEU B 187 3.86 -14.37 -8.86
N ALA B 188 4.25 -13.68 -9.92
CA ALA B 188 4.39 -12.23 -9.90
C ALA B 188 3.38 -11.64 -10.88
N THR B 189 2.50 -10.78 -10.37
CA THR B 189 1.41 -10.27 -11.19
C THR B 189 1.62 -8.80 -11.53
N GLU B 190 1.61 -8.50 -12.83
CA GLU B 190 1.67 -7.13 -13.35
C GLU B 190 0.27 -6.54 -13.31
N ARG B 191 0.11 -5.37 -12.72
CA ARG B 191 -1.22 -4.76 -12.67
C ARG B 191 -1.20 -3.26 -12.94
N GLY B 192 -0.08 -2.77 -13.52
CA GLY B 192 0.02 -1.38 -13.91
C GLY B 192 0.82 -0.59 -12.92
N VAL B 193 1.31 0.55 -13.38
CA VAL B 193 2.11 1.46 -12.56
C VAL B 193 1.56 2.87 -12.72
N SER B 194 1.64 3.62 -11.63
CA SER B 194 1.10 5.00 -11.62
C SER B 194 1.74 5.85 -12.67
N PHE B 195 0.91 6.63 -13.36
CA PHE B 195 1.36 7.44 -14.48
C PHE B 195 0.73 8.81 -14.39
N GLY B 196 1.43 9.75 -13.79
CA GLY B 196 0.76 11.01 -13.42
C GLY B 196 -0.38 10.75 -12.43
N TYR B 197 -1.47 11.49 -12.57
CA TYR B 197 -2.55 11.41 -11.62
C TYR B 197 -3.71 10.65 -12.25
N ASN B 198 -4.29 9.80 -11.44
CA ASN B 198 -5.56 9.08 -11.75
C ASN B 198 -5.45 8.20 -13.02
N THR B 199 -4.22 7.79 -13.33
CA THR B 199 -3.88 7.06 -14.53
C THR B 199 -2.84 5.98 -14.18
N LEU B 200 -3.02 4.82 -14.76
CA LEU B 200 -2.03 3.73 -14.78
C LEU B 200 -1.54 3.49 -16.20
N VAL B 201 -0.32 2.97 -16.32
CA VAL B 201 0.20 2.58 -17.59
C VAL B 201 0.81 1.19 -17.47
N SER B 202 0.76 0.46 -18.58
CA SER B 202 1.26 -0.94 -18.65
CA SER B 202 1.28 -0.91 -18.63
C SER B 202 2.59 -0.92 -19.41
N ASP B 203 3.70 -0.99 -18.69
CA ASP B 203 5.00 -0.97 -19.35
C ASP B 203 5.31 -2.44 -19.64
N MET B 204 5.27 -2.80 -20.93
CA MET B 204 5.37 -4.19 -21.35
C MET B 204 6.78 -4.70 -21.05
N ARG B 205 7.74 -3.78 -20.84
CA ARG B 205 9.07 -4.20 -20.41
C ARG B 205 9.08 -4.87 -19.04
N ALA B 206 8.09 -4.59 -18.18
CA ALA B 206 7.96 -5.22 -16.89
C ALA B 206 7.91 -6.72 -17.04
N LEU B 207 7.32 -7.21 -18.13
CA LEU B 207 7.13 -8.65 -18.29
C LEU B 207 8.48 -9.43 -18.41
N PRO B 208 9.35 -9.06 -19.39
CA PRO B 208 10.64 -9.84 -19.43
C PRO B 208 11.50 -9.56 -18.23
N ILE B 209 11.44 -8.34 -17.69
CA ILE B 209 12.23 -8.03 -16.49
C ILE B 209 11.84 -8.88 -15.27
N MET B 210 10.53 -8.99 -15.02
CA MET B 210 10.07 -9.86 -13.97
C MET B 210 10.32 -11.33 -14.28
N ALA B 211 10.12 -11.75 -15.54
CA ALA B 211 10.45 -13.13 -15.94
C ALA B 211 11.93 -13.41 -15.59
N GLY B 212 12.78 -12.42 -15.77
CA GLY B 212 14.20 -12.56 -15.43
C GLY B 212 14.48 -12.81 -13.96
N LEU B 213 13.53 -12.45 -13.10
CA LEU B 213 13.67 -12.72 -11.67
C LEU B 213 13.48 -14.19 -11.33
N GLY B 214 12.88 -14.92 -12.25
CA GLY B 214 12.79 -16.35 -12.18
C GLY B 214 11.43 -16.92 -11.81
N ALA B 215 10.39 -16.07 -11.70
CA ALA B 215 9.05 -16.52 -11.35
C ALA B 215 8.07 -16.41 -12.52
N PRO B 216 7.06 -17.29 -12.57
CA PRO B 216 6.09 -17.07 -13.65
C PRO B 216 5.44 -15.69 -13.51
N VAL B 217 5.19 -15.01 -14.62
CA VAL B 217 4.63 -13.67 -14.61
C VAL B 217 3.18 -13.76 -15.08
N ILE B 218 2.30 -13.13 -14.33
CA ILE B 218 0.88 -13.06 -14.59
C ILE B 218 0.52 -11.65 -14.97
N PHE B 219 -0.30 -11.51 -16.02
CA PHE B 219 -0.79 -10.18 -16.45
C PHE B 219 -2.24 -9.95 -16.00
N ASP B 220 -2.43 -8.96 -15.15
CA ASP B 220 -3.75 -8.55 -14.68
C ASP B 220 -4.35 -7.52 -15.63
N ALA B 221 -5.14 -8.02 -16.57
CA ALA B 221 -5.71 -7.18 -17.59
C ALA B 221 -6.76 -6.21 -17.02
N THR B 222 -7.59 -6.68 -16.10
CA THR B 222 -8.69 -5.87 -15.60
C THR B 222 -8.23 -4.72 -14.65
N HIS B 223 -7.25 -4.94 -13.80
CA HIS B 223 -6.73 -3.80 -12.98
C HIS B 223 -5.74 -2.87 -13.73
N SER B 224 -5.09 -3.39 -14.76
CA SER B 224 -4.11 -2.58 -15.50
C SER B 224 -4.76 -1.41 -16.30
N VAL B 225 -6.06 -1.54 -16.61
CA VAL B 225 -6.80 -0.48 -17.31
C VAL B 225 -7.47 0.52 -16.38
N GLN B 226 -7.44 0.26 -15.08
CA GLN B 226 -8.07 1.10 -14.04
C GLN B 226 -7.74 2.56 -14.16
N GLN B 227 -8.73 3.41 -13.86
CA GLN B 227 -8.54 4.85 -13.66
C GLN B 227 -8.62 5.17 -12.16
N PRO B 228 -7.48 5.14 -11.45
CA PRO B 228 -7.54 5.25 -9.99
C PRO B 228 -8.17 6.56 -9.51
N GLY B 229 -9.10 6.46 -8.56
CA GLY B 229 -9.81 7.63 -8.00
C GLY B 229 -10.86 8.19 -8.93
N GLN B 238 -13.14 1.85 -18.67
CA GLN B 238 -11.85 1.55 -19.21
C GLN B 238 -11.82 0.10 -19.72
N ARG B 239 -12.96 -0.57 -19.63
CA ARG B 239 -13.06 -2.00 -19.98
C ARG B 239 -12.75 -2.20 -21.46
N GLU B 240 -12.96 -1.14 -22.22
CA GLU B 240 -12.60 -1.01 -23.63
C GLU B 240 -11.16 -1.41 -23.98
N PHE B 241 -10.22 -1.22 -23.06
CA PHE B 241 -8.79 -1.41 -23.33
C PHE B 241 -8.25 -2.73 -22.77
N VAL B 242 -9.13 -3.52 -22.17
CA VAL B 242 -8.70 -4.79 -21.59
C VAL B 242 -8.14 -5.71 -22.69
N GLU B 243 -8.85 -5.85 -23.82
CA GLU B 243 -8.37 -6.65 -24.95
C GLU B 243 -7.04 -6.12 -25.50
N THR B 244 -6.96 -4.81 -25.63
CA THR B 244 -5.71 -4.16 -26.06
C THR B 244 -4.52 -4.54 -25.23
N LEU B 245 -4.63 -4.37 -23.92
CA LEU B 245 -3.51 -4.68 -23.02
C LEU B 245 -3.23 -6.17 -22.99
N ALA B 246 -4.29 -6.98 -22.99
CA ALA B 246 -4.11 -8.45 -22.98
C ALA B 246 -3.38 -8.97 -24.21
N ARG B 247 -3.77 -8.52 -25.40
CA ARG B 247 -3.09 -8.87 -26.64
C ARG B 247 -1.61 -8.48 -26.63
N ALA B 248 -1.33 -7.27 -26.17
CA ALA B 248 0.05 -6.84 -26.05
C ALA B 248 0.86 -7.76 -25.12
N ALA B 249 0.30 -8.05 -23.93
CA ALA B 249 0.99 -8.85 -22.88
C ALA B 249 1.26 -10.26 -23.35
N VAL B 250 0.23 -10.89 -23.92
CA VAL B 250 0.41 -12.24 -24.44
C VAL B 250 1.45 -12.36 -25.56
N ALA B 251 1.52 -11.38 -26.45
CA ALA B 251 2.54 -11.39 -27.53
C ALA B 251 3.96 -11.20 -26.98
N VAL B 252 4.06 -10.41 -25.93
CA VAL B 252 5.35 -10.34 -25.20
C VAL B 252 5.75 -11.63 -24.51
N GLY B 253 4.81 -12.26 -23.83
CA GLY B 253 5.04 -13.54 -23.20
C GLY B 253 4.81 -13.51 -21.72
N VAL B 254 3.76 -14.23 -21.28
CA VAL B 254 3.36 -14.31 -19.88
C VAL B 254 3.01 -15.75 -19.58
N ALA B 255 3.21 -16.12 -18.30
CA ALA B 255 2.74 -17.42 -17.79
C ALA B 255 1.22 -17.48 -17.70
N GLY B 256 0.61 -16.34 -17.43
CA GLY B 256 -0.82 -16.39 -17.30
C GLY B 256 -1.49 -15.06 -17.33
N PHE B 257 -2.82 -15.15 -17.37
CA PHE B 257 -3.70 -14.00 -17.36
C PHE B 257 -4.60 -14.03 -16.15
N PHE B 258 -4.77 -12.85 -15.54
CA PHE B 258 -5.63 -12.69 -14.39
C PHE B 258 -6.73 -11.77 -14.87
N ILE B 259 -7.98 -12.19 -14.80
CA ILE B 259 -9.06 -11.38 -15.34
C ILE B 259 -10.22 -11.54 -14.37
N GLU B 260 -10.74 -10.42 -13.88
CA GLU B 260 -11.98 -10.40 -13.13
C GLU B 260 -13.14 -10.31 -14.08
N THR B 261 -14.15 -11.14 -13.81
CA THR B 261 -15.25 -11.31 -14.72
C THR B 261 -16.53 -11.55 -13.93
N HIS B 262 -17.64 -11.14 -14.51
CA HIS B 262 -18.94 -11.23 -13.86
C HIS B 262 -20.05 -11.30 -14.92
N GLU B 263 -21.22 -11.87 -14.55
CA GLU B 263 -22.32 -11.99 -15.53
C GLU B 263 -23.00 -10.65 -15.79
N ASP B 264 -22.92 -9.73 -14.83
CA ASP B 264 -23.54 -8.41 -14.95
C ASP B 264 -22.66 -7.35 -14.28
N PRO B 265 -21.51 -7.03 -14.89
CA PRO B 265 -20.48 -6.22 -14.20
C PRO B 265 -20.92 -4.84 -13.76
N ASP B 266 -22.04 -4.34 -14.30
CA ASP B 266 -22.58 -3.04 -13.86
C ASP B 266 -23.25 -3.09 -12.49
N ASN B 267 -23.78 -4.25 -12.11
CA ASN B 267 -24.45 -4.39 -10.83
C ASN B 267 -23.65 -5.26 -9.85
N ALA B 268 -22.33 -5.30 -10.00
CA ALA B 268 -21.50 -6.21 -9.21
C ALA B 268 -20.97 -5.55 -7.93
N ASN B 274 -14.77 -1.97 -14.87
CA ASN B 274 -13.95 -2.97 -14.16
C ASN B 274 -13.92 -4.38 -14.84
N MET B 275 -14.90 -5.21 -14.53
CA MET B 275 -14.87 -6.64 -14.88
C MET B 275 -15.25 -6.91 -16.34
N VAL B 276 -14.61 -7.91 -16.95
CA VAL B 276 -14.99 -8.34 -18.31
C VAL B 276 -16.33 -9.10 -18.14
N PRO B 277 -17.38 -8.73 -18.92
CA PRO B 277 -18.56 -9.60 -18.88
C PRO B 277 -18.18 -11.03 -19.28
N ILE B 278 -18.72 -12.01 -18.57
CA ILE B 278 -18.39 -13.40 -18.83
C ILE B 278 -18.65 -13.79 -20.31
N ASP B 279 -19.68 -13.22 -20.95
CA ASP B 279 -19.98 -13.58 -22.31
C ASP B 279 -18.92 -13.07 -23.30
N LYS B 280 -18.01 -12.20 -22.85
CA LYS B 280 -16.88 -11.70 -23.67
C LYS B 280 -15.60 -12.55 -23.50
N MET B 281 -15.59 -13.45 -22.53
CA MET B 281 -14.40 -14.22 -22.24
C MET B 281 -14.03 -15.25 -23.31
N PRO B 282 -15.00 -16.00 -23.86
CA PRO B 282 -14.56 -17.04 -24.82
C PRO B 282 -13.84 -16.46 -26.06
N ALA B 283 -14.37 -15.37 -26.65
CA ALA B 283 -13.78 -14.67 -27.78
C ALA B 283 -12.39 -14.10 -27.43
N LEU B 284 -12.29 -13.48 -26.25
CA LEU B 284 -11.00 -12.89 -25.83
C LEU B 284 -9.97 -14.00 -25.64
N LEU B 285 -10.32 -15.02 -24.89
CA LEU B 285 -9.42 -16.11 -24.63
C LEU B 285 -8.97 -16.83 -25.89
N GLU B 286 -9.89 -17.03 -26.84
CA GLU B 286 -9.50 -17.65 -28.09
C GLU B 286 -8.45 -16.82 -28.87
N LYS B 287 -8.65 -15.51 -28.90
CA LYS B 287 -7.65 -14.61 -29.47
C LYS B 287 -6.35 -14.69 -28.73
N LEU B 288 -6.38 -14.67 -27.42
CA LEU B 288 -5.11 -14.66 -26.62
C LEU B 288 -4.34 -16.00 -26.82
N MET B 289 -5.08 -17.08 -26.91
CA MET B 289 -4.41 -18.39 -27.17
CA MET B 289 -4.44 -18.40 -27.19
C MET B 289 -3.70 -18.47 -28.54
N ALA B 290 -4.26 -17.83 -29.56
CA ALA B 290 -3.68 -17.79 -30.89
C ALA B 290 -2.36 -16.99 -30.85
N PHE B 291 -2.38 -15.83 -30.19
CA PHE B 291 -1.10 -15.08 -30.01
C PHE B 291 -0.06 -15.87 -29.14
N ASP B 292 -0.55 -16.53 -28.10
CA ASP B 292 0.30 -17.28 -27.14
C ASP B 292 1.11 -18.36 -27.81
N ARG B 293 0.47 -19.03 -28.76
CA ARG B 293 1.11 -20.13 -29.43
C ARG B 293 2.34 -19.64 -30.17
N ILE B 294 2.23 -18.48 -30.79
CA ILE B 294 3.33 -17.88 -31.49
C ILE B 294 4.37 -17.42 -30.49
N ALA B 295 3.93 -16.63 -29.51
CA ALA B 295 4.83 -16.07 -28.50
C ALA B 295 5.63 -17.17 -27.82
N LYS B 296 5.00 -18.29 -27.51
CA LYS B 296 5.72 -19.34 -26.77
C LYS B 296 6.66 -20.20 -27.63
N ALA B 297 6.57 -20.08 -28.95
CA ALA B 297 7.44 -20.85 -29.85
C ALA B 297 8.69 -20.10 -30.26
N LEU B 298 8.77 -18.81 -29.97
CA LEU B 298 9.80 -17.96 -30.52
C LEU B 298 11.05 -17.97 -29.66
#